data_3WIW
#
_entry.id   3WIW
#
_cell.length_a   91.840
_cell.length_b   50.960
_cell.length_c   85.816
_cell.angle_alpha   90.00
_cell.angle_beta   115.73
_cell.angle_gamma   90.00
#
_symmetry.space_group_name_H-M   'C 1 2 1'
#
loop_
_entity.id
_entity.type
_entity.pdbx_description
1 polymer 'Glycosyl hydrolase family 88'
2 non-polymer '4-(2-HYDROXYETHYL)-1-PIPERAZINE ETHANESULFONIC ACID'
3 water water
#
_entity_poly.entity_id   1
_entity_poly.type   'polypeptide(L)'
_entity_poly.pdbx_seq_one_letter_code
;MKSLLSAFVATIALIGSANGMTVTKGNGDDWLKKSTKTAVIQLTRAAQTYTPGMNPRSVNPDGTVRLAPPRDWTTGFFPG
TLWYGYELSGDKNLAAEAKRFTLALDTIQYVKDTHDLGFMLYCSYGNAYRVTGDKIYLKPLENGAANLYARFNKKVGAIR
SWDFGHWQFPVIIDNLMNLEYLYWAGKEFNKPEWFDAAKTHAVTTMKNHFRKDYSSYHVISYDTLSGKVLQRETHQGLTN
ESAWARGQAWGLYGYTMSYKDTKDKKFIEHAEHIAAFIMNHPAMPADKIPLWDFDVHNRDRSPRDASAAAVIASALLDLS
TQVKDGQKYFKFAEDILKTLSSDEYLAKPGENQFFILKHSVGALLYNSEIDTPLNYADYYYLEALKRYAEIKKIDLKTIN
QS
;
_entity_poly.pdbx_strand_id   A
#
# COMPACT_ATOMS: atom_id res chain seq x y z
N GLY A 28 -3.96 -21.32 -17.97
CA GLY A 28 -5.35 -20.94 -17.80
C GLY A 28 -5.60 -19.93 -16.68
N ASP A 29 -6.82 -19.41 -16.62
CA ASP A 29 -7.17 -18.36 -15.67
C ASP A 29 -7.97 -18.85 -14.47
N ASP A 30 -8.08 -20.16 -14.30
CA ASP A 30 -8.90 -20.74 -13.23
C ASP A 30 -8.46 -20.29 -11.84
N TRP A 31 -7.14 -20.19 -11.63
CA TRP A 31 -6.60 -19.74 -10.35
C TRP A 31 -7.18 -18.37 -9.98
N LEU A 32 -7.33 -17.49 -10.96
CA LEU A 32 -7.79 -16.14 -10.72
C LEU A 32 -9.28 -16.14 -10.38
N LYS A 33 -10.05 -16.93 -11.13
CA LYS A 33 -11.48 -17.04 -10.87
C LYS A 33 -11.78 -17.67 -9.51
N LYS A 34 -11.06 -18.71 -9.13
N LYS A 34 -11.01 -18.69 -9.18
CA LYS A 34 -11.38 -19.31 -7.84
CA LYS A 34 -11.14 -19.37 -7.90
C LYS A 34 -10.91 -18.43 -6.69
C LYS A 34 -10.85 -18.40 -6.77
N SER A 35 -9.80 -17.73 -6.89
N SER A 35 -9.74 -17.69 -6.87
CA SER A 35 -9.29 -16.84 -5.86
CA SER A 35 -9.32 -16.83 -5.77
C SER A 35 -10.25 -15.68 -5.62
C SER A 35 -10.27 -15.65 -5.60
N THR A 36 -10.81 -15.15 -6.71
CA THR A 36 -11.79 -14.09 -6.61
C THR A 36 -13.05 -14.57 -5.88
N LYS A 37 -13.52 -15.77 -6.22
N LYS A 37 -13.54 -15.77 -6.21
CA LYS A 37 -14.69 -16.33 -5.57
CA LYS A 37 -14.71 -16.32 -5.54
C LYS A 37 -14.46 -16.47 -4.08
C LYS A 37 -14.45 -16.43 -4.05
N THR A 38 -13.27 -16.96 -3.70
CA THR A 38 -12.92 -17.07 -2.30
C THR A 38 -12.86 -15.71 -1.61
N ALA A 39 -12.25 -14.73 -2.27
CA ALA A 39 -12.14 -13.40 -1.70
C ALA A 39 -13.52 -12.80 -1.41
N VAL A 40 -14.45 -12.99 -2.34
CA VAL A 40 -15.80 -12.47 -2.15
C VAL A 40 -16.47 -13.11 -0.93
N ILE A 41 -16.30 -14.43 -0.78
CA ILE A 41 -16.85 -15.10 0.40
C ILE A 41 -16.24 -14.56 1.70
N GLN A 42 -14.92 -14.44 1.71
CA GLN A 42 -14.22 -13.95 2.90
C GLN A 42 -14.73 -12.56 3.28
N LEU A 43 -14.80 -11.65 2.31
CA LEU A 43 -15.24 -10.29 2.55
C LEU A 43 -16.68 -10.26 3.01
N THR A 44 -17.52 -11.12 2.43
CA THR A 44 -18.92 -11.19 2.83
C THR A 44 -19.04 -11.55 4.31
N ARG A 45 -18.29 -12.57 4.72
CA ARG A 45 -18.32 -13.00 6.10
C ARG A 45 -17.68 -11.96 7.02
N ALA A 46 -16.56 -11.36 6.59
CA ALA A 46 -15.91 -10.33 7.40
C ALA A 46 -16.86 -9.16 7.69
N ALA A 47 -17.55 -8.69 6.64
CA ALA A 47 -18.42 -7.52 6.81
C ALA A 47 -19.65 -7.84 7.69
N GLN A 48 -20.05 -9.11 7.73
N GLN A 48 -20.02 -9.11 7.75
CA GLN A 48 -21.14 -9.58 8.60
CA GLN A 48 -21.12 -9.58 8.56
C GLN A 48 -20.67 -9.70 10.05
C GLN A 48 -20.68 -9.75 10.03
N THR A 49 -19.38 -9.93 10.24
CA THR A 49 -18.83 -10.25 11.55
C THR A 49 -18.27 -9.04 12.31
N TYR A 50 -17.43 -8.24 11.65
CA TYR A 50 -16.82 -7.07 12.26
C TYR A 50 -17.78 -5.88 12.28
N THR A 51 -17.45 -4.90 13.11
CA THR A 51 -18.29 -3.72 13.30
C THR A 51 -17.63 -2.49 12.66
N PRO A 52 -18.40 -1.74 11.86
CA PRO A 52 -17.84 -0.52 11.27
C PRO A 52 -17.22 0.38 12.34
N GLY A 53 -16.02 0.87 12.05
CA GLY A 53 -15.27 1.69 12.99
C GLY A 53 -14.28 0.90 13.84
N MET A 54 -14.33 -0.43 13.75
CA MET A 54 -13.39 -1.31 14.43
C MET A 54 -12.96 -2.37 13.43
N ASN A 55 -12.10 -1.97 12.50
CA ASN A 55 -11.81 -2.79 11.35
C ASN A 55 -10.85 -3.92 11.64
N PRO A 56 -11.01 -5.07 10.96
CA PRO A 56 -10.06 -6.17 11.19
C PRO A 56 -8.68 -5.80 10.68
N ARG A 57 -7.65 -6.02 11.52
CA ARG A 57 -6.29 -5.70 11.15
C ARG A 57 -5.38 -6.92 10.96
N SER A 58 -5.30 -7.77 11.97
CA SER A 58 -4.39 -8.91 11.92
C SER A 58 -4.88 -9.96 12.92
N VAL A 59 -4.19 -11.10 12.97
CA VAL A 59 -4.57 -12.15 13.90
C VAL A 59 -3.46 -12.29 14.94
N ASN A 60 -3.83 -12.16 16.21
CA ASN A 60 -2.90 -12.28 17.32
C ASN A 60 -2.39 -13.71 17.49
N PRO A 61 -1.23 -13.88 18.16
CA PRO A 61 -0.68 -15.22 18.42
C PRO A 61 -1.70 -16.17 19.06
N ASP A 62 -2.62 -15.64 19.88
CA ASP A 62 -3.64 -16.50 20.50
C ASP A 62 -4.86 -16.80 19.62
N GLY A 63 -4.84 -16.30 18.39
CA GLY A 63 -5.91 -16.59 17.44
C GLY A 63 -7.00 -15.54 17.36
N THR A 64 -7.05 -14.62 18.32
CA THR A 64 -8.03 -13.53 18.31
C THR A 64 -7.67 -12.45 17.29
N VAL A 65 -8.63 -11.60 16.96
CA VAL A 65 -8.41 -10.61 15.91
C VAL A 65 -8.04 -9.25 16.52
N ARG A 66 -6.93 -8.69 16.05
CA ARG A 66 -6.57 -7.32 16.40
C ARG A 66 -7.38 -6.39 15.53
N LEU A 67 -8.05 -5.42 16.17
CA LEU A 67 -8.92 -4.48 15.48
C LEU A 67 -8.27 -3.09 15.35
N ALA A 68 -8.67 -2.38 14.32
CA ALA A 68 -8.11 -1.06 13.98
C ALA A 68 -9.23 -0.01 14.12
N PRO A 69 -9.25 0.71 15.24
CA PRO A 69 -10.17 1.85 15.37
C PRO A 69 -9.75 3.02 14.44
N PRO A 70 -10.52 4.12 14.43
CA PRO A 70 -10.24 5.16 13.42
C PRO A 70 -8.87 5.82 13.50
N ARG A 71 -8.24 5.79 14.68
N ARG A 71 -8.24 5.80 14.67
CA ARG A 71 -6.91 6.35 14.87
CA ARG A 71 -6.91 6.39 14.81
C ARG A 71 -5.79 5.47 14.29
C ARG A 71 -5.77 5.46 14.30
N ASP A 72 -6.11 4.20 14.03
CA ASP A 72 -5.09 3.22 13.60
C ASP A 72 -4.74 3.42 12.12
N TRP A 73 -3.45 3.42 11.80
CA TRP A 73 -3.04 3.73 10.43
C TRP A 73 -3.56 2.75 9.38
N THR A 74 -3.95 1.55 9.80
CA THR A 74 -4.43 0.55 8.87
C THR A 74 -5.94 0.56 8.74
N THR A 75 -6.64 1.49 9.41
CA THR A 75 -8.08 1.35 9.55
C THR A 75 -8.84 1.48 8.21
N GLY A 76 -8.28 2.20 7.25
CA GLY A 76 -8.92 2.39 5.96
C GLY A 76 -8.83 1.22 5.02
N PHE A 77 -7.94 0.25 5.27
CA PHE A 77 -7.73 -0.82 4.31
C PHE A 77 -8.93 -1.74 4.12
N PHE A 78 -9.58 -2.18 5.20
CA PHE A 78 -10.71 -3.09 5.08
C PHE A 78 -11.87 -2.50 4.24
N PRO A 79 -12.32 -1.24 4.53
CA PRO A 79 -13.35 -0.72 3.61
C PRO A 79 -12.84 -0.62 2.16
N GLY A 80 -11.57 -0.27 1.97
CA GLY A 80 -11.01 -0.26 0.63
C GLY A 80 -11.08 -1.62 -0.04
N THR A 81 -10.79 -2.66 0.71
CA THR A 81 -10.83 -4.03 0.19
C THR A 81 -12.25 -4.42 -0.20
N LEU A 82 -13.22 -3.96 0.58
CA LEU A 82 -14.63 -4.16 0.23
C LEU A 82 -14.98 -3.47 -1.10
N TRP A 83 -14.49 -2.24 -1.31
CA TRP A 83 -14.71 -1.57 -2.59
C TRP A 83 -14.11 -2.39 -3.73
N TYR A 84 -12.88 -2.86 -3.54
CA TYR A 84 -12.26 -3.69 -4.57
C TYR A 84 -13.01 -5.01 -4.82
N GLY A 85 -13.49 -5.66 -3.76
CA GLY A 85 -14.30 -6.87 -3.88
C GLY A 85 -15.55 -6.59 -4.69
N TYR A 86 -16.17 -5.43 -4.47
CA TYR A 86 -17.33 -5.02 -5.25
C TYR A 86 -16.98 -4.82 -6.71
N GLU A 87 -15.86 -4.16 -6.98
CA GLU A 87 -15.45 -3.92 -8.37
C GLU A 87 -15.15 -5.22 -9.11
N LEU A 88 -14.52 -6.19 -8.45
CA LEU A 88 -14.20 -7.46 -9.07
C LEU A 88 -15.46 -8.24 -9.37
N SER A 89 -16.40 -8.24 -8.44
CA SER A 89 -17.51 -9.21 -8.47
C SER A 89 -18.84 -8.63 -8.93
N GLY A 90 -19.02 -7.32 -8.81
CA GLY A 90 -20.32 -6.72 -9.06
C GLY A 90 -21.34 -6.98 -7.97
N ASP A 91 -20.90 -7.58 -6.87
CA ASP A 91 -21.80 -7.96 -5.80
C ASP A 91 -22.29 -6.73 -5.06
N LYS A 92 -23.57 -6.40 -5.24
CA LYS A 92 -24.13 -5.21 -4.61
C LYS A 92 -24.07 -5.23 -3.09
N ASN A 93 -24.06 -6.42 -2.50
CA ASN A 93 -23.93 -6.47 -1.05
C ASN A 93 -22.57 -5.92 -0.59
N LEU A 94 -21.51 -6.22 -1.35
CA LEU A 94 -20.19 -5.71 -1.01
C LEU A 94 -20.12 -4.18 -1.14
N ALA A 95 -20.85 -3.60 -2.08
CA ALA A 95 -20.91 -2.13 -2.18
C ALA A 95 -21.62 -1.53 -0.96
N ALA A 96 -22.69 -2.19 -0.51
CA ALA A 96 -23.43 -1.72 0.66
C ALA A 96 -22.54 -1.81 1.91
N GLU A 97 -21.82 -2.93 2.05
CA GLU A 97 -20.92 -3.08 3.18
C GLU A 97 -19.78 -2.08 3.10
N ALA A 98 -19.24 -1.86 1.90
CA ALA A 98 -18.16 -0.89 1.76
C ALA A 98 -18.61 0.50 2.21
N LYS A 99 -19.84 0.89 1.88
CA LYS A 99 -20.38 2.17 2.32
C LYS A 99 -20.42 2.24 3.86
N ARG A 100 -20.98 1.21 4.50
CA ARG A 100 -21.10 1.17 5.96
C ARG A 100 -19.74 1.30 6.65
N PHE A 101 -18.78 0.50 6.19
CA PHE A 101 -17.45 0.50 6.81
C PHE A 101 -16.64 1.77 6.47
N THR A 102 -16.93 2.39 5.33
CA THR A 102 -16.30 3.67 4.98
C THR A 102 -16.80 4.81 5.86
N LEU A 103 -18.12 4.94 5.97
CA LEU A 103 -18.69 6.12 6.64
C LEU A 103 -18.41 6.14 8.12
N ALA A 104 -18.06 4.98 8.69
CA ALA A 104 -17.67 4.90 10.10
C ALA A 104 -16.33 5.59 10.36
N LEU A 105 -15.61 5.98 9.30
CA LEU A 105 -14.29 6.60 9.43
C LEU A 105 -14.32 8.13 9.30
N ASP A 106 -15.51 8.72 9.39
CA ASP A 106 -15.71 10.15 9.21
C ASP A 106 -14.74 11.00 10.04
N THR A 107 -14.46 10.58 11.27
N THR A 107 -14.45 10.55 11.25
CA THR A 107 -13.63 11.39 12.18
CA THR A 107 -13.64 11.33 12.19
C THR A 107 -12.21 11.59 11.68
C THR A 107 -12.21 11.56 11.72
N ILE A 108 -11.74 10.74 10.77
CA ILE A 108 -10.37 10.85 10.30
C ILE A 108 -10.12 12.16 9.54
N GLN A 109 -11.18 12.78 9.05
CA GLN A 109 -11.03 14.06 8.34
C GLN A 109 -10.55 15.19 9.24
N TYR A 110 -10.47 14.94 10.55
CA TYR A 110 -10.01 15.98 11.50
C TYR A 110 -8.61 15.67 12.04
N VAL A 111 -8.01 14.56 11.60
CA VAL A 111 -6.73 14.13 12.12
C VAL A 111 -5.57 14.89 11.46
N LYS A 112 -4.67 15.41 12.29
CA LYS A 112 -3.60 16.32 11.84
C LYS A 112 -2.19 15.81 12.08
N ASP A 113 -2.06 14.72 12.83
CA ASP A 113 -0.73 14.31 13.34
C ASP A 113 0.02 13.26 12.53
N THR A 114 -0.46 12.95 11.33
CA THR A 114 0.15 11.86 10.57
C THR A 114 0.06 11.97 9.05
N HIS A 115 1.09 11.48 8.37
CA HIS A 115 1.05 11.37 6.91
C HIS A 115 0.08 10.29 6.42
N ASP A 116 -0.40 9.43 7.32
CA ASP A 116 -1.13 8.22 6.92
C ASP A 116 -2.58 8.46 6.50
N LEU A 117 -2.96 9.72 6.33
CA LEU A 117 -4.30 10.06 5.83
C LEU A 117 -4.57 9.46 4.45
N GLY A 118 -3.54 9.23 3.64
CA GLY A 118 -3.73 8.56 2.37
C GLY A 118 -4.20 7.12 2.58
N PHE A 119 -3.45 6.32 3.34
CA PHE A 119 -3.88 4.97 3.63
C PHE A 119 -5.26 4.95 4.31
N MET A 120 -5.51 5.91 5.21
CA MET A 120 -6.71 5.87 6.05
C MET A 120 -7.96 6.36 5.35
N LEU A 121 -7.89 7.56 4.74
CA LEU A 121 -9.02 8.16 4.03
C LEU A 121 -9.02 7.87 2.55
N TYR A 122 -7.86 7.95 1.89
CA TYR A 122 -7.91 7.76 0.45
C TYR A 122 -8.22 6.30 0.06
N CYS A 123 -7.73 5.31 0.80
CA CYS A 123 -8.12 3.93 0.54
C CYS A 123 -9.59 3.64 0.80
N SER A 124 -10.22 4.43 1.67
CA SER A 124 -11.60 4.16 2.05
C SER A 124 -12.54 5.10 1.30
N TYR A 125 -12.62 6.34 1.76
CA TYR A 125 -13.40 7.38 1.10
C TYR A 125 -12.95 7.62 -0.34
N GLY A 126 -11.65 7.55 -0.61
CA GLY A 126 -11.18 7.82 -1.98
C GLY A 126 -11.73 6.81 -2.97
N ASN A 127 -11.60 5.53 -2.63
CA ASN A 127 -12.19 4.48 -3.45
C ASN A 127 -13.71 4.62 -3.54
N ALA A 128 -14.35 4.95 -2.42
CA ALA A 128 -15.79 5.10 -2.37
C ALA A 128 -16.23 6.17 -3.38
N TYR A 129 -15.55 7.31 -3.39
CA TYR A 129 -15.95 8.41 -4.26
C TYR A 129 -15.67 8.06 -5.73
N ARG A 130 -14.55 7.36 -5.98
CA ARG A 130 -14.23 6.96 -7.34
C ARG A 130 -15.29 5.99 -7.87
N VAL A 131 -15.65 5.02 -7.05
CA VAL A 131 -16.59 3.98 -7.49
C VAL A 131 -18.02 4.54 -7.67
N THR A 132 -18.48 5.37 -6.75
CA THR A 132 -19.88 5.75 -6.68
C THR A 132 -20.19 7.16 -7.16
N GLY A 133 -19.21 8.05 -7.11
CA GLY A 133 -19.43 9.47 -7.38
C GLY A 133 -20.36 10.17 -6.39
N ASP A 134 -20.66 9.51 -5.27
CA ASP A 134 -21.61 10.05 -4.29
C ASP A 134 -20.96 11.16 -3.45
N LYS A 135 -21.61 12.32 -3.43
N LYS A 135 -21.58 12.33 -3.44
CA LYS A 135 -21.06 13.50 -2.77
CA LYS A 135 -21.01 13.51 -2.80
C LYS A 135 -20.90 13.33 -1.25
C LYS A 135 -20.86 13.36 -1.28
N ILE A 136 -21.56 12.34 -0.65
N ILE A 136 -21.50 12.34 -0.71
CA ILE A 136 -21.36 12.13 0.78
CA ILE A 136 -21.37 12.09 0.72
C ILE A 136 -19.88 11.88 1.11
C ILE A 136 -19.90 11.87 1.10
N TYR A 137 -19.11 11.38 0.15
CA TYR A 137 -17.71 11.08 0.40
C TYR A 137 -16.77 12.27 0.20
N LEU A 138 -17.26 13.36 -0.36
CA LEU A 138 -16.35 14.37 -0.88
C LEU A 138 -15.80 15.33 0.17
N LYS A 139 -16.64 15.87 1.04
CA LYS A 139 -16.13 16.82 2.03
C LYS A 139 -15.06 16.21 2.97
N PRO A 140 -15.28 14.98 3.47
CA PRO A 140 -14.23 14.39 4.29
C PRO A 140 -12.91 14.25 3.52
N LEU A 141 -12.99 13.92 2.24
CA LEU A 141 -11.78 13.88 1.42
C LEU A 141 -11.11 15.25 1.31
N GLU A 142 -11.89 16.30 1.12
CA GLU A 142 -11.31 17.63 1.02
C GLU A 142 -10.66 18.05 2.32
N ASN A 143 -11.35 17.81 3.44
CA ASN A 143 -10.78 18.18 4.74
C ASN A 143 -9.49 17.40 5.03
N GLY A 144 -9.49 16.09 4.74
CA GLY A 144 -8.31 15.27 4.95
C GLY A 144 -7.14 15.75 4.12
N ALA A 145 -7.40 16.12 2.87
CA ALA A 145 -6.31 16.55 2.02
C ALA A 145 -5.65 17.82 2.53
N ALA A 146 -6.44 18.75 3.04
CA ALA A 146 -5.86 19.97 3.59
C ALA A 146 -4.97 19.64 4.78
N ASN A 147 -5.39 18.69 5.60
CA ASN A 147 -4.59 18.28 6.76
C ASN A 147 -3.30 17.57 6.37
N LEU A 148 -3.36 16.80 5.29
CA LEU A 148 -2.16 16.13 4.81
C LEU A 148 -1.17 17.16 4.24
N TYR A 149 -1.68 18.09 3.44
CA TYR A 149 -0.84 19.11 2.86
C TYR A 149 -0.20 19.98 3.94
N ALA A 150 -0.93 20.23 5.04
CA ALA A 150 -0.39 21.05 6.14
C ALA A 150 0.91 20.47 6.69
N ARG A 151 1.12 19.17 6.52
CA ARG A 151 2.32 18.50 7.04
C ARG A 151 3.54 18.67 6.11
N PHE A 152 3.32 19.15 4.88
CA PHE A 152 4.43 19.42 3.98
C PHE A 152 5.19 20.65 4.46
N ASN A 153 6.52 20.52 4.51
CA ASN A 153 7.37 21.62 4.91
C ASN A 153 8.16 22.07 3.69
N LYS A 154 7.93 23.32 3.30
CA LYS A 154 8.48 23.90 2.10
C LYS A 154 10.01 23.94 2.13
N LYS A 155 10.60 24.16 3.30
CA LYS A 155 12.05 24.22 3.41
C LYS A 155 12.72 22.85 3.25
N VAL A 156 12.08 21.82 3.78
CA VAL A 156 12.57 20.45 3.62
C VAL A 156 12.26 19.90 2.22
N GLY A 157 11.11 20.29 1.67
CA GLY A 157 10.63 19.69 0.44
C GLY A 157 9.97 18.33 0.66
N ALA A 158 9.37 18.10 1.83
CA ALA A 158 8.72 16.81 2.12
C ALA A 158 7.65 16.96 3.19
N ILE A 159 6.71 16.03 3.19
CA ILE A 159 5.75 15.83 4.26
C ILE A 159 6.43 15.18 5.45
N ARG A 160 6.24 15.75 6.64
CA ARG A 160 6.68 15.13 7.88
C ARG A 160 5.83 13.90 8.16
N SER A 161 6.44 12.73 8.29
CA SER A 161 5.63 11.51 8.45
C SER A 161 4.95 11.45 9.81
N TRP A 162 5.68 11.74 10.87
N TRP A 162 5.74 11.65 10.87
CA TRP A 162 5.06 11.69 12.19
CA TRP A 162 5.30 11.49 12.27
C TRP A 162 5.69 12.68 13.15
C TRP A 162 5.63 12.73 13.10
N ASP A 163 5.01 12.83 14.28
CA ASP A 163 5.33 13.89 15.23
C ASP A 163 5.93 13.39 16.53
N PHE A 164 5.92 12.08 16.72
CA PHE A 164 6.43 11.49 17.95
C PHE A 164 7.92 11.22 17.86
N GLY A 165 8.53 10.94 19.01
CA GLY A 165 9.91 10.50 19.03
C GLY A 165 10.90 11.65 18.96
N HIS A 166 12.18 11.29 18.84
CA HIS A 166 13.26 12.26 18.96
C HIS A 166 13.60 13.00 17.67
N TRP A 167 13.19 12.48 16.52
CA TRP A 167 13.56 13.09 15.24
C TRP A 167 13.01 14.50 15.12
N GLN A 168 13.83 15.36 14.55
CA GLN A 168 13.43 16.71 14.21
C GLN A 168 12.37 16.69 13.11
N PHE A 169 12.56 15.83 12.13
CA PHE A 169 11.68 15.81 10.97
C PHE A 169 11.86 14.49 10.24
N PRO A 170 11.17 13.46 10.71
CA PRO A 170 11.32 12.14 10.11
C PRO A 170 10.43 11.95 8.90
N VAL A 171 10.99 11.37 7.85
CA VAL A 171 10.22 11.03 6.65
C VAL A 171 10.47 9.55 6.34
N ILE A 172 9.42 8.77 6.27
CA ILE A 172 9.57 7.34 6.00
C ILE A 172 9.24 7.02 4.54
N ILE A 173 9.81 5.93 4.03
CA ILE A 173 9.59 5.54 2.65
C ILE A 173 8.07 5.32 2.38
N ASP A 174 7.35 4.82 3.39
CA ASP A 174 5.92 4.55 3.26
C ASP A 174 5.13 5.81 2.87
N ASN A 175 5.67 6.99 3.20
CA ASN A 175 5.02 8.28 2.93
C ASN A 175 4.81 8.46 1.43
N LEU A 176 5.61 7.81 0.57
CA LEU A 176 5.34 7.87 -0.88
C LEU A 176 3.90 7.46 -1.20
N MET A 177 3.37 6.46 -0.48
CA MET A 177 2.05 5.93 -0.81
C MET A 177 0.98 6.97 -0.54
N ASN A 178 1.20 7.78 0.50
CA ASN A 178 0.26 8.83 0.90
C ASN A 178 0.22 10.01 -0.08
N LEU A 179 1.17 10.09 -1.01
CA LEU A 179 1.15 11.13 -2.04
C LEU A 179 -0.02 10.99 -3.02
N GLU A 180 -0.51 9.76 -3.21
CA GLU A 180 -1.55 9.53 -4.22
C GLU A 180 -2.78 10.40 -3.89
N TYR A 181 -3.13 10.42 -2.61
CA TYR A 181 -4.21 11.26 -2.09
C TYR A 181 -4.04 12.71 -2.51
N LEU A 182 -2.84 13.28 -2.35
CA LEU A 182 -2.62 14.68 -2.68
C LEU A 182 -2.60 14.92 -4.19
N TYR A 183 -2.03 14.02 -4.99
CA TYR A 183 -2.11 14.22 -6.44
C TYR A 183 -3.56 14.31 -6.88
N TRP A 184 -4.38 13.40 -6.38
CA TRP A 184 -5.80 13.37 -6.72
C TRP A 184 -6.49 14.64 -6.22
N ALA A 185 -6.26 14.99 -4.96
CA ALA A 185 -6.97 16.13 -4.35
C ALA A 185 -6.56 17.46 -4.97
N GLY A 186 -5.28 17.62 -5.31
CA GLY A 186 -4.81 18.83 -5.95
C GLY A 186 -5.56 19.09 -7.23
N LYS A 187 -5.84 18.04 -8.00
CA LYS A 187 -6.61 18.18 -9.23
C LYS A 187 -8.11 18.37 -8.96
N GLU A 188 -8.68 17.56 -8.07
CA GLU A 188 -10.11 17.58 -7.80
C GLU A 188 -10.56 18.94 -7.26
N PHE A 189 -9.75 19.53 -6.38
CA PHE A 189 -10.12 20.76 -5.68
C PHE A 189 -9.43 22.01 -6.20
N ASN A 190 -8.73 21.88 -7.33
N ASN A 190 -8.78 21.89 -7.36
CA ASN A 190 -8.07 23.02 -7.94
CA ASN A 190 -8.04 23.01 -7.97
C ASN A 190 -7.08 23.68 -6.97
C ASN A 190 -7.09 23.67 -6.97
N LYS A 191 -6.21 22.84 -6.42
CA LYS A 191 -5.22 23.25 -5.44
C LYS A 191 -3.86 22.82 -5.95
N PRO A 192 -3.31 23.56 -6.93
CA PRO A 192 -2.02 23.18 -7.51
C PRO A 192 -0.91 23.05 -6.48
N GLU A 193 -0.93 23.81 -5.38
CA GLU A 193 0.14 23.64 -4.38
C GLU A 193 0.07 22.29 -3.69
N TRP A 194 -1.11 21.71 -3.60
CA TRP A 194 -1.22 20.35 -3.03
C TRP A 194 -0.56 19.35 -3.96
N PHE A 195 -0.88 19.45 -5.25
CA PHE A 195 -0.30 18.54 -6.25
C PHE A 195 1.21 18.73 -6.29
N ASP A 196 1.67 19.99 -6.34
CA ASP A 196 3.09 20.30 -6.42
C ASP A 196 3.83 19.82 -5.18
N ALA A 197 3.18 19.88 -4.02
CA ALA A 197 3.82 19.42 -2.78
C ALA A 197 4.08 17.92 -2.85
N ALA A 198 3.10 17.17 -3.34
CA ALA A 198 3.25 15.73 -3.46
C ALA A 198 4.41 15.45 -4.41
N LYS A 199 4.46 16.16 -5.54
CA LYS A 199 5.50 15.90 -6.52
C LYS A 199 6.87 16.24 -5.92
N THR A 200 6.95 17.36 -5.21
CA THR A 200 8.20 17.74 -4.53
C THR A 200 8.65 16.68 -3.52
N HIS A 201 7.72 16.15 -2.74
CA HIS A 201 8.05 15.08 -1.80
C HIS A 201 8.68 13.90 -2.54
N ALA A 202 8.09 13.50 -3.66
CA ALA A 202 8.61 12.38 -4.44
C ALA A 202 10.02 12.68 -4.97
N VAL A 203 10.27 13.90 -5.42
CA VAL A 203 11.60 14.27 -5.89
C VAL A 203 12.63 14.26 -4.75
N THR A 204 12.29 14.87 -3.62
CA THR A 204 13.19 14.90 -2.46
C THR A 204 13.52 13.46 -2.01
N THR A 205 12.51 12.61 -1.95
CA THR A 205 12.67 11.23 -1.51
C THR A 205 13.51 10.45 -2.50
N MET A 206 13.37 10.79 -3.78
N MET A 206 13.36 10.76 -3.79
CA MET A 206 14.08 10.09 -4.82
CA MET A 206 14.13 10.03 -4.78
C MET A 206 15.60 10.28 -4.64
C MET A 206 15.62 10.27 -4.62
N LYS A 207 15.98 11.49 -4.24
CA LYS A 207 17.36 11.80 -3.93
C LYS A 207 17.83 11.13 -2.62
N ASN A 208 17.10 11.35 -1.53
CA ASN A 208 17.66 11.08 -0.21
C ASN A 208 17.37 9.69 0.35
N HIS A 209 16.26 9.07 -0.05
CA HIS A 209 15.92 7.77 0.52
C HIS A 209 16.61 6.58 -0.17
N PHE A 210 17.35 6.82 -1.25
CA PHE A 210 17.89 5.73 -2.06
C PHE A 210 19.39 5.65 -2.03
N ARG A 211 19.88 4.43 -1.85
CA ARG A 211 21.31 4.13 -1.91
C ARG A 211 21.72 3.98 -3.37
N LYS A 212 23.03 3.88 -3.64
N LYS A 212 23.03 3.88 -3.58
CA LYS A 212 23.49 3.79 -5.02
CA LYS A 212 23.62 3.72 -4.91
C LYS A 212 22.97 2.56 -5.76
C LYS A 212 23.04 2.56 -5.71
N ASP A 213 22.68 1.48 -5.03
CA ASP A 213 22.14 0.29 -5.68
C ASP A 213 20.62 0.31 -5.87
N TYR A 214 19.99 1.44 -5.57
CA TYR A 214 18.54 1.65 -5.66
C TYR A 214 17.74 0.95 -4.56
N SER A 215 18.41 0.34 -3.59
CA SER A 215 17.72 0.00 -2.34
C SER A 215 17.35 1.28 -1.59
N SER A 216 16.34 1.18 -0.75
CA SER A 216 15.92 2.33 0.02
C SER A 216 16.19 2.14 1.53
N TYR A 217 16.49 3.27 2.20
CA TYR A 217 16.40 3.40 3.65
C TYR A 217 14.94 3.39 4.09
N HIS A 218 14.70 3.19 5.38
CA HIS A 218 13.35 3.36 5.88
C HIS A 218 13.09 4.83 6.23
N VAL A 219 13.92 5.42 7.10
CA VAL A 219 13.72 6.76 7.62
C VAL A 219 14.86 7.67 7.22
N ILE A 220 14.52 8.81 6.65
CA ILE A 220 15.46 9.93 6.55
C ILE A 220 14.97 11.02 7.50
N SER A 221 15.87 11.50 8.34
N SER A 221 15.85 11.51 8.37
CA SER A 221 15.58 12.62 9.22
CA SER A 221 15.49 12.62 9.22
C SER A 221 16.22 13.88 8.67
C SER A 221 16.20 13.88 8.73
N TYR A 222 15.43 14.95 8.63
CA TYR A 222 15.90 16.22 8.06
C TYR A 222 15.99 17.33 9.08
N ASP A 223 16.77 18.36 8.75
CA ASP A 223 16.82 19.59 9.50
C ASP A 223 15.65 20.43 9.01
N THR A 224 14.76 20.84 9.91
N THR A 224 14.79 20.85 9.93
CA THR A 224 13.54 21.54 9.51
CA THR A 224 13.55 21.53 9.58
C THR A 224 13.77 22.91 8.89
C THR A 224 13.75 22.92 8.95
N LEU A 225 14.91 23.53 9.20
CA LEU A 225 15.20 24.86 8.70
C LEU A 225 16.04 24.83 7.41
N SER A 226 17.08 23.99 7.40
CA SER A 226 18.00 23.94 6.27
C SER A 226 17.61 22.92 5.21
N GLY A 227 16.78 21.94 5.60
CA GLY A 227 16.41 20.84 4.73
C GLY A 227 17.50 19.80 4.54
N LYS A 228 18.62 19.97 5.23
CA LYS A 228 19.71 19.00 5.09
C LYS A 228 19.37 17.68 5.74
N VAL A 229 19.91 16.61 5.18
CA VAL A 229 19.74 15.28 5.75
C VAL A 229 20.59 15.15 7.01
N LEU A 230 19.97 14.79 8.12
CA LEU A 230 20.70 14.59 9.37
C LEU A 230 21.01 13.12 9.66
N GLN A 231 20.05 12.24 9.39
N GLN A 231 20.05 12.23 9.39
CA GLN A 231 20.21 10.82 9.68
CA GLN A 231 20.25 10.81 9.68
C GLN A 231 19.56 9.95 8.60
C GLN A 231 19.57 9.97 8.61
N ARG A 232 20.12 8.77 8.40
CA ARG A 232 19.57 7.78 7.47
C ARG A 232 19.53 6.47 8.24
N GLU A 233 18.34 5.96 8.49
N GLU A 233 18.33 6.00 8.52
CA GLU A 233 18.22 4.83 9.42
CA GLU A 233 18.15 4.90 9.45
C GLU A 233 17.01 3.97 9.18
C GLU A 233 17.12 3.86 8.99
N THR A 234 17.00 2.77 9.75
CA THR A 234 15.84 1.91 9.63
C THR A 234 14.82 2.21 10.73
N HIS A 235 13.62 1.70 10.55
CA HIS A 235 12.66 1.61 11.63
C HIS A 235 12.14 0.18 11.71
N GLN A 236 11.67 -0.38 10.60
CA GLN A 236 11.12 -1.74 10.60
C GLN A 236 11.94 -2.79 9.86
N GLY A 237 13.12 -2.41 9.37
CA GLY A 237 14.01 -3.36 8.75
C GLY A 237 15.06 -3.93 9.67
N LEU A 238 15.92 -4.77 9.12
CA LEU A 238 16.97 -5.42 9.88
C LEU A 238 18.01 -4.46 10.46
N THR A 239 18.52 -3.54 9.65
CA THR A 239 19.56 -2.58 10.08
C THR A 239 19.39 -1.28 9.32
N ASN A 240 20.12 -0.26 9.73
CA ASN A 240 20.12 1.00 8.99
C ASN A 240 20.49 0.85 7.51
N GLU A 241 21.34 -0.15 7.23
CA GLU A 241 21.87 -0.39 5.88
C GLU A 241 21.01 -1.31 5.05
N SER A 242 19.97 -1.89 5.65
CA SER A 242 19.26 -2.99 5.02
C SER A 242 18.13 -2.57 4.07
N ALA A 243 17.58 -3.59 3.39
CA ALA A 243 16.51 -3.41 2.43
C ALA A 243 15.24 -4.09 2.97
N TRP A 244 14.56 -3.36 3.84
CA TRP A 244 13.30 -3.84 4.41
C TRP A 244 12.32 -4.10 3.25
N ALA A 245 11.74 -5.30 3.15
CA ALA A 245 11.07 -5.67 1.89
C ALA A 245 9.84 -4.82 1.60
N ARG A 246 8.97 -4.62 2.59
CA ARG A 246 7.78 -3.80 2.34
C ARG A 246 8.19 -2.36 1.99
N GLY A 247 9.26 -1.87 2.60
CA GLY A 247 9.78 -0.56 2.21
C GLY A 247 10.23 -0.50 0.77
N GLN A 248 10.92 -1.54 0.30
CA GLN A 248 11.32 -1.56 -1.10
C GLN A 248 10.07 -1.52 -1.98
N ALA A 249 9.03 -2.26 -1.58
CA ALA A 249 7.76 -2.31 -2.30
C ALA A 249 7.09 -0.93 -2.31
N TRP A 250 7.04 -0.24 -1.18
CA TRP A 250 6.43 1.10 -1.14
C TRP A 250 7.16 2.04 -2.09
N GLY A 251 8.50 1.93 -2.19
CA GLY A 251 9.27 2.73 -3.13
C GLY A 251 8.89 2.43 -4.57
N LEU A 252 8.87 1.16 -4.94
CA LEU A 252 8.49 0.78 -6.30
C LEU A 252 7.11 1.33 -6.65
N TYR A 253 6.15 1.06 -5.77
CA TYR A 253 4.78 1.51 -5.99
C TYR A 253 4.72 3.04 -6.04
N GLY A 254 5.40 3.70 -5.11
CA GLY A 254 5.39 5.15 -4.98
C GLY A 254 5.79 5.81 -6.30
N TYR A 255 6.81 5.27 -6.98
CA TYR A 255 7.30 5.89 -8.22
C TYR A 255 6.47 5.50 -9.44
N THR A 256 5.93 4.28 -9.43
CA THR A 256 5.00 3.85 -10.47
C THR A 256 3.75 4.74 -10.45
N MET A 257 3.19 4.92 -9.25
CA MET A 257 2.01 5.76 -9.06
C MET A 257 2.34 7.24 -9.31
N SER A 258 3.50 7.73 -8.88
CA SER A 258 3.85 9.13 -9.13
C SER A 258 3.99 9.37 -10.62
N TYR A 259 4.56 8.41 -11.37
CA TYR A 259 4.57 8.52 -12.82
C TYR A 259 3.14 8.61 -13.39
N LYS A 260 2.29 7.70 -12.96
CA LYS A 260 0.91 7.66 -13.46
C LYS A 260 0.21 9.00 -13.27
N ASP A 261 0.45 9.63 -12.10
CA ASP A 261 -0.27 10.83 -11.73
C ASP A 261 0.39 12.14 -12.18
N THR A 262 1.67 12.12 -12.54
CA THR A 262 2.38 13.36 -12.94
C THR A 262 2.93 13.31 -14.36
N LYS A 263 3.15 12.10 -14.86
CA LYS A 263 3.79 11.84 -16.16
C LYS A 263 5.23 12.32 -16.26
N ASP A 264 5.88 12.53 -15.12
CA ASP A 264 7.28 12.95 -15.12
C ASP A 264 8.14 11.72 -15.33
N LYS A 265 8.86 11.68 -16.45
N LYS A 265 8.87 11.66 -16.45
CA LYS A 265 9.66 10.52 -16.83
CA LYS A 265 9.60 10.44 -16.78
C LYS A 265 10.72 10.14 -15.81
C LYS A 265 10.73 10.11 -15.78
N LYS A 266 11.17 11.08 -15.00
CA LYS A 266 12.17 10.77 -13.96
C LYS A 266 11.62 9.70 -13.01
N PHE A 267 10.31 9.74 -12.75
CA PHE A 267 9.71 8.78 -11.85
C PHE A 267 9.63 7.37 -12.46
N ILE A 268 9.29 7.26 -13.74
N ILE A 268 9.31 7.27 -13.74
CA ILE A 268 9.23 5.92 -14.35
CA ILE A 268 9.23 5.96 -14.36
C ILE A 268 10.64 5.33 -14.48
C ILE A 268 10.63 5.34 -14.51
N GLU A 269 11.62 6.17 -14.81
N GLU A 269 11.61 6.19 -14.80
CA GLU A 269 13.00 5.69 -14.85
CA GLU A 269 13.00 5.75 -14.86
C GLU A 269 13.40 5.16 -13.48
C GLU A 269 13.44 5.19 -13.50
N HIS A 270 13.07 5.90 -12.43
CA HIS A 270 13.41 5.46 -11.09
C HIS A 270 12.67 4.15 -10.74
N ALA A 271 11.41 4.06 -11.10
CA ALA A 271 10.65 2.85 -10.89
C ALA A 271 11.29 1.63 -11.56
N GLU A 272 11.79 1.80 -12.78
CA GLU A 272 12.42 0.68 -13.45
C GLU A 272 13.72 0.27 -12.78
N HIS A 273 14.48 1.23 -12.27
CA HIS A 273 15.71 0.91 -11.52
C HIS A 273 15.38 0.13 -10.25
N ILE A 274 14.36 0.57 -9.51
CA ILE A 274 13.91 -0.14 -8.33
C ILE A 274 13.44 -1.55 -8.70
N ALA A 275 12.68 -1.66 -9.78
CA ALA A 275 12.12 -2.95 -10.19
C ALA A 275 13.24 -3.94 -10.46
N ALA A 276 14.30 -3.49 -11.13
CA ALA A 276 15.45 -4.36 -11.40
C ALA A 276 16.17 -4.80 -10.13
N PHE A 277 16.37 -3.86 -9.20
CA PHE A 277 16.97 -4.20 -7.92
C PHE A 277 16.17 -5.31 -7.21
N ILE A 278 14.84 -5.19 -7.22
CA ILE A 278 13.96 -6.16 -6.58
C ILE A 278 13.93 -7.49 -7.35
N MET A 279 13.68 -7.42 -8.65
CA MET A 279 13.45 -8.64 -9.43
C MET A 279 14.70 -9.49 -9.57
N ASN A 280 15.85 -8.83 -9.64
CA ASN A 280 17.12 -9.52 -9.87
C ASN A 280 17.86 -9.80 -8.57
N HIS A 281 17.24 -9.49 -7.44
CA HIS A 281 17.97 -9.58 -6.18
C HIS A 281 18.36 -11.02 -5.90
N PRO A 282 19.61 -11.23 -5.42
CA PRO A 282 20.08 -12.58 -5.11
C PRO A 282 19.20 -13.24 -4.02
N ALA A 283 18.59 -12.43 -3.17
CA ALA A 283 17.75 -12.97 -2.10
C ALA A 283 16.27 -13.05 -2.45
N MET A 284 15.89 -12.73 -3.68
CA MET A 284 14.50 -12.90 -4.10
C MET A 284 14.24 -14.40 -4.20
N PRO A 285 13.28 -14.93 -3.41
CA PRO A 285 13.09 -16.39 -3.44
C PRO A 285 12.51 -16.89 -4.76
N ALA A 286 12.65 -18.18 -5.01
CA ALA A 286 12.13 -18.79 -6.23
C ALA A 286 10.63 -18.51 -6.45
N ASP A 287 9.84 -18.49 -5.38
CA ASP A 287 8.39 -18.30 -5.53
C ASP A 287 8.00 -16.82 -5.53
N LYS A 288 8.97 -15.93 -5.43
CA LYS A 288 8.80 -14.48 -5.58
C LYS A 288 8.03 -13.79 -4.44
N ILE A 289 7.92 -14.45 -3.28
CA ILE A 289 7.39 -13.79 -2.10
C ILE A 289 8.59 -13.36 -1.25
N PRO A 290 8.84 -12.05 -1.15
CA PRO A 290 10.11 -11.65 -0.53
C PRO A 290 10.30 -12.11 0.92
N LEU A 291 11.55 -12.33 1.31
CA LEU A 291 11.90 -12.36 2.73
C LEU A 291 11.50 -11.03 3.36
N TRP A 292 11.26 -11.01 4.66
CA TRP A 292 10.77 -9.78 5.26
C TRP A 292 11.79 -8.63 5.11
N ASP A 293 13.08 -8.96 5.05
CA ASP A 293 14.13 -8.02 4.74
C ASP A 293 15.08 -8.75 3.80
N PHE A 294 15.46 -8.09 2.70
CA PHE A 294 16.28 -8.74 1.68
C PHE A 294 17.69 -9.10 2.16
N ASP A 295 18.13 -8.52 3.28
CA ASP A 295 19.52 -8.67 3.70
C ASP A 295 19.76 -9.67 4.82
N VAL A 296 18.71 -10.38 5.24
CA VAL A 296 18.89 -11.40 6.26
C VAL A 296 19.87 -12.48 5.81
N HIS A 297 20.54 -13.10 6.77
CA HIS A 297 21.51 -14.11 6.40
C HIS A 297 20.85 -15.48 6.16
N ASN A 298 19.67 -15.71 6.75
CA ASN A 298 19.04 -17.04 6.77
C ASN A 298 17.95 -17.17 5.70
N ARG A 299 18.34 -17.19 4.43
CA ARG A 299 17.36 -17.04 3.35
C ARG A 299 16.37 -18.19 3.28
N ASP A 300 16.81 -19.40 3.61
CA ASP A 300 15.92 -20.54 3.53
C ASP A 300 14.80 -20.54 4.56
N ARG A 301 15.06 -19.98 5.74
N ARG A 301 15.06 -20.01 5.75
CA ARG A 301 14.09 -20.09 6.83
CA ARG A 301 14.11 -20.09 6.85
C ARG A 301 13.54 -18.75 7.31
C ARG A 301 13.54 -18.75 7.31
N SER A 302 13.99 -17.66 6.71
CA SER A 302 13.50 -16.33 7.10
C SER A 302 11.99 -16.20 6.79
N PRO A 303 11.21 -15.62 7.72
CA PRO A 303 9.79 -15.37 7.41
C PRO A 303 9.60 -14.54 6.14
N ARG A 304 8.64 -14.95 5.31
CA ARG A 304 8.25 -14.20 4.12
C ARG A 304 7.26 -13.09 4.47
N ASP A 305 7.13 -12.12 3.59
CA ASP A 305 6.16 -11.06 3.83
C ASP A 305 5.24 -10.92 2.62
N ALA A 306 4.08 -11.57 2.72
CA ALA A 306 3.11 -11.54 1.63
C ALA A 306 2.69 -10.11 1.29
N SER A 307 2.61 -9.20 2.28
CA SER A 307 2.16 -7.83 2.00
C SER A 307 3.11 -7.16 1.01
N ALA A 308 4.42 -7.35 1.21
CA ALA A 308 5.40 -6.80 0.27
C ALA A 308 5.18 -7.37 -1.13
N ALA A 309 4.96 -8.69 -1.23
CA ALA A 309 4.70 -9.33 -2.53
C ALA A 309 3.48 -8.70 -3.20
N ALA A 310 2.40 -8.48 -2.44
CA ALA A 310 1.18 -7.96 -3.03
C ALA A 310 1.39 -6.54 -3.57
N VAL A 311 2.09 -5.69 -2.81
CA VAL A 311 2.39 -4.32 -3.22
C VAL A 311 3.25 -4.34 -4.48
N ILE A 312 4.26 -5.22 -4.49
CA ILE A 312 5.11 -5.34 -5.67
C ILE A 312 4.32 -5.80 -6.89
N ALA A 313 3.46 -6.81 -6.73
CA ALA A 313 2.67 -7.29 -7.85
C ALA A 313 1.78 -6.16 -8.41
N SER A 314 1.07 -5.44 -7.52
CA SER A 314 0.20 -4.37 -7.99
C SER A 314 1.01 -3.31 -8.75
N ALA A 315 2.15 -2.92 -8.19
CA ALA A 315 2.98 -1.91 -8.83
C ALA A 315 3.50 -2.38 -10.19
N LEU A 316 4.01 -3.62 -10.24
CA LEU A 316 4.58 -4.13 -11.49
C LEU A 316 3.53 -4.23 -12.59
N LEU A 317 2.29 -4.51 -12.23
CA LEU A 317 1.22 -4.54 -13.23
C LEU A 317 0.99 -3.14 -13.83
N ASP A 318 0.94 -2.10 -12.99
CA ASP A 318 0.84 -0.76 -13.55
C ASP A 318 2.11 -0.40 -14.32
N LEU A 319 3.29 -0.78 -13.82
CA LEU A 319 4.53 -0.44 -14.51
C LEU A 319 4.53 -1.07 -15.90
N SER A 320 4.03 -2.31 -15.99
CA SER A 320 4.00 -3.03 -17.26
C SER A 320 3.21 -2.28 -18.36
N THR A 321 2.24 -1.46 -17.95
CA THR A 321 1.41 -0.73 -18.93
C THR A 321 1.99 0.64 -19.28
N GLN A 322 2.97 1.09 -18.50
N GLN A 322 2.98 1.08 -18.50
CA GLN A 322 3.53 2.43 -18.64
CA GLN A 322 3.52 2.43 -18.66
C GLN A 322 4.80 2.46 -19.48
C GLN A 322 4.83 2.48 -19.43
N VAL A 323 5.57 1.37 -19.43
CA VAL A 323 6.89 1.33 -20.04
C VAL A 323 6.86 0.81 -21.48
N LYS A 324 8.00 0.95 -22.14
CA LYS A 324 8.19 0.56 -23.53
C LYS A 324 7.98 -0.95 -23.75
N ASP A 325 8.67 -1.77 -22.98
CA ASP A 325 8.45 -3.22 -23.05
C ASP A 325 8.21 -3.79 -21.67
N GLY A 326 6.94 -4.01 -21.37
CA GLY A 326 6.53 -4.28 -20.01
C GLY A 326 6.35 -5.75 -19.68
N GLN A 327 6.58 -6.65 -20.65
CA GLN A 327 6.26 -8.06 -20.44
C GLN A 327 6.98 -8.67 -19.23
N LYS A 328 8.27 -8.33 -19.02
CA LYS A 328 8.99 -8.88 -17.88
C LYS A 328 8.36 -8.49 -16.55
N TYR A 329 7.81 -7.28 -16.47
CA TYR A 329 7.11 -6.83 -15.27
C TYR A 329 5.78 -7.55 -15.09
N PHE A 330 5.03 -7.65 -16.18
CA PHE A 330 3.76 -8.36 -16.13
C PHE A 330 3.97 -9.82 -15.69
N LYS A 331 4.95 -10.49 -16.29
CA LYS A 331 5.20 -11.91 -15.99
C LYS A 331 5.58 -12.10 -14.53
N PHE A 332 6.42 -11.20 -14.01
CA PHE A 332 6.88 -11.31 -12.63
C PHE A 332 5.69 -11.13 -11.70
N ALA A 333 4.84 -10.14 -11.97
CA ALA A 333 3.63 -9.91 -11.17
C ALA A 333 2.70 -11.11 -11.24
N GLU A 334 2.48 -11.65 -12.44
CA GLU A 334 1.65 -12.83 -12.61
C GLU A 334 2.15 -14.00 -11.77
N ASP A 335 3.47 -14.21 -11.75
CA ASP A 335 4.06 -15.30 -10.97
C ASP A 335 3.82 -15.06 -9.48
N ILE A 336 3.97 -13.82 -9.01
CA ILE A 336 3.68 -13.53 -7.61
C ILE A 336 2.23 -13.85 -7.32
N LEU A 337 1.32 -13.40 -8.18
CA LEU A 337 -0.09 -13.64 -7.94
C LEU A 337 -0.47 -15.11 -7.92
N LYS A 338 0.18 -15.91 -8.77
CA LYS A 338 -0.09 -17.33 -8.73
C LYS A 338 0.35 -17.94 -7.40
N THR A 339 1.50 -17.50 -6.85
CA THR A 339 1.93 -17.97 -5.53
C THR A 339 0.99 -17.50 -4.41
N LEU A 340 0.64 -16.21 -4.43
CA LEU A 340 -0.27 -15.68 -3.43
C LEU A 340 -1.64 -16.34 -3.46
N SER A 341 -2.04 -16.84 -4.63
CA SER A 341 -3.35 -17.45 -4.82
C SER A 341 -3.36 -18.96 -4.55
N SER A 342 -2.19 -19.52 -4.25
CA SER A 342 -2.06 -20.95 -3.96
C SER A 342 -2.50 -21.24 -2.52
N ASP A 343 -2.66 -22.52 -2.21
CA ASP A 343 -3.07 -22.96 -0.87
C ASP A 343 -2.19 -22.41 0.22
N GLU A 344 -0.89 -22.25 -0.07
CA GLU A 344 0.07 -21.80 0.91
C GLU A 344 -0.23 -20.40 1.40
N TYR A 345 -0.75 -19.52 0.52
CA TYR A 345 -0.99 -18.12 0.85
C TYR A 345 -2.45 -17.68 0.93
N LEU A 346 -3.33 -18.37 0.20
CA LEU A 346 -4.72 -17.94 0.12
C LEU A 346 -5.57 -18.73 1.09
N ALA A 347 -6.19 -18.05 2.04
CA ALA A 347 -7.06 -18.71 3.01
C ALA A 347 -8.20 -19.49 2.36
N LYS A 348 -8.60 -20.60 2.97
CA LYS A 348 -9.79 -21.30 2.53
C LYS A 348 -11.01 -20.53 3.01
N PRO A 349 -12.13 -20.63 2.25
CA PRO A 349 -13.34 -19.92 2.65
C PRO A 349 -13.73 -20.25 4.08
N GLY A 350 -13.99 -19.20 4.85
CA GLY A 350 -14.42 -19.36 6.22
C GLY A 350 -13.32 -19.43 7.25
N GLU A 351 -12.08 -19.56 6.79
CA GLU A 351 -10.92 -19.67 7.70
C GLU A 351 -10.14 -18.37 7.86
N ASN A 352 -9.08 -18.39 8.65
N ASN A 352 -9.10 -18.42 8.66
CA ASN A 352 -8.16 -17.25 8.71
CA ASN A 352 -8.17 -17.29 8.88
C ASN A 352 -8.83 -15.96 9.24
C ASN A 352 -8.83 -15.99 9.26
N GLN A 353 -9.86 -16.12 10.08
CA GLN A 353 -10.63 -14.98 10.58
C GLN A 353 -11.15 -14.07 9.46
N PHE A 354 -11.42 -14.71 8.31
CA PHE A 354 -11.99 -14.07 7.12
C PHE A 354 -11.02 -13.13 6.38
N PHE A 355 -9.75 -13.11 6.78
CA PHE A 355 -8.75 -12.46 5.96
C PHE A 355 -8.49 -13.29 4.71
N ILE A 356 -8.05 -12.64 3.64
CA ILE A 356 -7.88 -13.29 2.36
C ILE A 356 -6.51 -14.01 2.24
N LEU A 357 -5.42 -13.32 2.56
CA LEU A 357 -4.07 -13.89 2.49
C LEU A 357 -3.51 -14.21 3.88
N LYS A 358 -2.51 -15.09 3.87
CA LYS A 358 -1.74 -15.42 5.06
C LYS A 358 -0.29 -14.91 4.94
N HIS A 359 0.47 -14.98 6.03
CA HIS A 359 1.95 -14.86 5.96
C HIS A 359 2.51 -13.47 5.65
N SER A 360 1.99 -12.43 6.28
CA SER A 360 2.66 -11.13 6.29
C SER A 360 3.48 -10.93 7.57
N VAL A 361 4.37 -9.94 7.54
CA VAL A 361 5.18 -9.62 8.72
C VAL A 361 5.07 -8.11 8.95
N GLY A 362 4.50 -7.73 10.10
CA GLY A 362 4.36 -6.32 10.43
C GLY A 362 5.68 -5.67 10.82
N ALA A 363 6.28 -6.12 11.93
CA ALA A 363 7.52 -5.52 12.43
C ALA A 363 8.29 -6.58 13.21
N LEU A 364 9.14 -7.32 12.51
CA LEU A 364 9.73 -8.53 13.10
C LEU A 364 10.61 -8.23 14.32
N LEU A 365 11.40 -7.16 14.24
CA LEU A 365 12.31 -6.87 15.34
C LEU A 365 11.58 -6.35 16.57
N TYR A 366 10.28 -6.05 16.44
CA TYR A 366 9.44 -5.62 17.56
C TYR A 366 8.58 -6.79 18.06
N ASN A 367 8.81 -7.99 17.50
CA ASN A 367 7.97 -9.14 17.79
C ASN A 367 6.50 -8.81 17.57
N SER A 368 6.22 -8.15 16.45
CA SER A 368 4.88 -7.64 16.19
C SER A 368 4.36 -8.14 14.86
N GLU A 369 3.21 -8.82 14.91
CA GLU A 369 2.53 -9.27 13.71
C GLU A 369 3.44 -10.10 12.80
N ILE A 370 4.10 -11.10 13.38
CA ILE A 370 4.97 -11.95 12.59
C ILE A 370 4.18 -13.14 12.08
N ASP A 371 4.09 -13.26 10.76
CA ASP A 371 3.47 -14.42 10.09
C ASP A 371 1.96 -14.47 10.38
N THR A 372 1.26 -13.41 9.98
CA THR A 372 -0.16 -13.24 10.23
C THR A 372 -0.77 -12.60 8.98
N PRO A 373 -2.07 -12.84 8.76
N PRO A 373 -2.07 -12.85 8.74
CA PRO A 373 -2.81 -11.97 7.84
CA PRO A 373 -2.74 -11.97 7.79
C PRO A 373 -2.72 -10.51 8.24
C PRO A 373 -2.67 -10.51 8.23
N LEU A 374 -2.70 -9.60 7.26
CA LEU A 374 -2.76 -8.18 7.52
C LEU A 374 -3.71 -7.56 6.53
N ASN A 375 -4.54 -6.63 7.01
CA ASN A 375 -5.54 -6.02 6.17
C ASN A 375 -4.99 -5.37 4.90
N TYR A 376 -3.80 -4.76 4.97
CA TYR A 376 -3.25 -4.15 3.77
C TYR A 376 -2.70 -5.14 2.76
N ALA A 377 -2.28 -6.32 3.21
CA ALA A 377 -1.91 -7.37 2.24
C ALA A 377 -3.14 -7.70 1.39
N ASP A 378 -4.29 -7.81 2.03
CA ASP A 378 -5.51 -8.15 1.28
C ASP A 378 -5.90 -7.03 0.31
N TYR A 379 -5.76 -5.77 0.73
CA TYR A 379 -6.12 -4.63 -0.07
C TYR A 379 -5.28 -4.62 -1.35
N TYR A 380 -3.95 -4.69 -1.20
CA TYR A 380 -3.08 -4.63 -2.38
C TYR A 380 -3.17 -5.89 -3.23
N TYR A 381 -3.48 -7.03 -2.63
CA TYR A 381 -3.72 -8.23 -3.40
C TYR A 381 -4.95 -8.09 -4.30
N LEU A 382 -6.07 -7.62 -3.74
CA LEU A 382 -7.24 -7.44 -4.61
C LEU A 382 -6.98 -6.34 -5.65
N GLU A 383 -6.24 -5.30 -5.29
CA GLU A 383 -5.90 -4.27 -6.27
C GLU A 383 -5.13 -4.89 -7.43
N ALA A 384 -4.19 -5.78 -7.10
CA ALA A 384 -3.41 -6.46 -8.14
C ALA A 384 -4.29 -7.37 -9.01
N LEU A 385 -5.22 -8.10 -8.38
CA LEU A 385 -6.13 -8.93 -9.15
C LEU A 385 -6.97 -8.08 -10.12
N LYS A 386 -7.44 -6.93 -9.67
N LYS A 386 -7.43 -6.92 -9.64
CA LYS A 386 -8.22 -6.05 -10.52
CA LYS A 386 -8.16 -5.95 -10.45
C LYS A 386 -7.35 -5.54 -11.69
C LYS A 386 -7.33 -5.58 -11.67
N ARG A 387 -6.10 -5.13 -11.41
CA ARG A 387 -5.21 -4.67 -12.47
C ARG A 387 -4.89 -5.77 -13.48
N TYR A 388 -4.64 -6.98 -12.96
CA TYR A 388 -4.33 -8.12 -13.79
C TYR A 388 -5.52 -8.45 -14.69
N ALA A 389 -6.71 -8.55 -14.10
CA ALA A 389 -7.91 -8.85 -14.87
C ALA A 389 -8.19 -7.80 -15.94
N GLU A 390 -7.89 -6.53 -15.66
N GLU A 390 -7.89 -6.53 -15.65
CA GLU A 390 -8.11 -5.47 -16.63
CA GLU A 390 -8.09 -5.46 -16.63
C GLU A 390 -7.18 -5.62 -17.82
C GLU A 390 -7.19 -5.67 -17.82
N ILE A 391 -5.92 -5.94 -17.55
CA ILE A 391 -4.94 -6.14 -18.61
C ILE A 391 -5.36 -7.31 -19.50
N LYS A 392 -5.72 -8.42 -18.88
N LYS A 392 -5.73 -8.42 -18.86
CA LYS A 392 -6.08 -9.63 -19.64
CA LYS A 392 -6.09 -9.64 -19.58
C LYS A 392 -7.53 -9.65 -20.13
C LYS A 392 -7.52 -9.63 -20.12
N LYS A 393 -8.31 -8.65 -19.71
CA LYS A 393 -9.73 -8.54 -20.11
C LYS A 393 -10.56 -9.72 -19.63
N ILE A 394 -10.32 -10.11 -18.39
CA ILE A 394 -11.02 -11.23 -17.77
C ILE A 394 -12.18 -10.72 -16.94
N ASP A 395 -13.37 -11.23 -17.25
CA ASP A 395 -14.59 -10.92 -16.52
C ASP A 395 -14.68 -11.77 -15.26
N LEU A 396 -14.69 -11.14 -14.09
CA LEU A 396 -14.78 -11.86 -12.82
C LEU A 396 -16.11 -11.61 -12.08
N LYS A 397 -17.09 -11.01 -12.75
CA LYS A 397 -18.39 -10.74 -12.13
C LYS A 397 -19.10 -12.02 -11.68
N THR A 398 -19.68 -12.00 -10.49
CA THR A 398 -20.42 -13.15 -9.96
C THR A 398 -21.51 -13.59 -10.92
#